data_5VB6
#
_entry.id   5VB6
#
_cell.length_a   62.305
_cell.length_b   62.305
_cell.length_c   154.178
_cell.angle_alpha   90.00
_cell.angle_beta   90.00
_cell.angle_gamma   90.00
#
_symmetry.space_group_name_H-M   'P 41 21 2'
#
loop_
_entity.id
_entity.type
_entity.pdbx_description
1 polymer 'Nuclear receptor ROR-gamma, SRC2 chimera'
2 non-polymer 'SODIUM ION'
3 non-polymer N-{3-[(3-methylbut-2-en-1-yl){methyl[trans-4-(pyridin-4-yl)cyclohexyl]carbamoyl}amino]phenyl}benzamide
4 water water
#
_entity_poly.entity_id   1
_entity_poly.type   'polypeptide(L)'
_entity_poly.pdbx_seq_one_letter_code
;MGSSHHHHHHLVPRGSPEAPYASLTEIEHLVQSVCKSYRETCQLRLEDLLRQRSNIFSREEVTGYQRKSMWEMWERCAHH
LTEAIQYVVEFAKRLSGFMELCQNDQIVLLKAGAMEVVLVRMCRAYNADNRTVFFEGKYGGMELFRALGCSELISSIFDF
SHSLSALHFSEDEIALYTALVLINAHRPGLQEKRKVEQLQYNLELAFHHHLCKTHRQSILAKLPPKGKLRSLCSQHVERL
QIFQHLHPIVVQAAFPPLYKELFSGGGEKHKILHRLLQDS
;
_entity_poly.pdbx_strand_id   A
#
loop_
_chem_comp.id
_chem_comp.type
_chem_comp.name
_chem_comp.formula
927 non-polymer N-{3-[(3-methylbut-2-en-1-yl){methyl[trans-4-(pyridin-4-yl)cyclohexyl]carbamoyl}amino]phenyl}benzamide 'C31 H36 N4 O2'
NA non-polymer 'SODIUM ION' 'Na 1'
#
# COMPACT_ATOMS: atom_id res chain seq x y z
N ALA A 22 -24.67 14.45 8.15
CA ALA A 22 -23.91 13.77 9.20
C ALA A 22 -23.50 14.74 10.30
N SER A 23 -23.70 14.37 11.56
N SER A 23 -23.70 14.36 11.55
CA SER A 23 -23.42 15.26 12.67
CA SER A 23 -23.44 15.24 12.68
C SER A 23 -22.03 15.03 13.24
C SER A 23 -22.03 15.04 13.22
N LEU A 24 -21.72 15.72 14.34
CA LEU A 24 -20.38 15.67 14.87
C LEU A 24 -20.08 14.34 15.55
N THR A 25 -21.00 13.88 16.40
CA THR A 25 -20.82 12.58 17.05
C THR A 25 -20.67 11.46 16.03
N GLU A 26 -21.28 11.61 14.85
CA GLU A 26 -21.15 10.61 13.81
C GLU A 26 -19.79 10.67 13.13
N ILE A 27 -19.25 11.88 12.96
CA ILE A 27 -17.90 12.01 12.41
C ILE A 27 -16.88 11.35 13.33
N GLU A 28 -17.03 11.56 14.64
N GLU A 28 -17.02 11.57 14.63
CA GLU A 28 -16.11 10.95 15.60
CA GLU A 28 -16.08 10.94 15.57
C GLU A 28 -16.27 9.44 15.64
C GLU A 28 -16.25 9.42 15.60
N HIS A 29 -17.50 8.95 15.45
CA HIS A 29 -17.71 7.51 15.38
C HIS A 29 -17.05 6.93 14.13
N LEU A 30 -17.08 7.66 13.02
CA LEU A 30 -16.40 7.22 11.82
C LEU A 30 -14.88 7.23 12.01
N VAL A 31 -14.37 8.20 12.78
CA VAL A 31 -12.94 8.24 13.09
C VAL A 31 -12.53 6.95 13.81
N GLN A 32 -13.27 6.58 14.85
CA GLN A 32 -12.90 5.38 15.61
C GLN A 32 -13.16 4.11 14.80
N SER A 33 -14.17 4.12 13.94
CA SER A 33 -14.44 2.95 13.12
C SER A 33 -13.32 2.71 12.12
N VAL A 34 -12.78 3.77 11.54
CA VAL A 34 -11.70 3.63 10.56
C VAL A 34 -10.43 3.16 11.26
N CYS A 35 -10.11 3.77 12.41
CA CYS A 35 -8.91 3.38 13.14
C CYS A 35 -8.99 1.93 13.61
N LYS A 36 -10.19 1.49 13.99
CA LYS A 36 -10.36 0.10 14.41
C LYS A 36 -10.16 -0.86 13.25
N SER A 37 -10.74 -0.54 12.09
CA SER A 37 -10.57 -1.39 10.92
C SER A 37 -9.11 -1.45 10.48
N TYR A 38 -8.37 -0.36 10.64
CA TYR A 38 -6.95 -0.36 10.32
C TYR A 38 -6.16 -1.19 11.32
N ARG A 39 -6.42 -1.01 12.61
CA ARG A 39 -5.69 -1.76 13.63
C ARG A 39 -5.88 -3.26 13.45
N GLU A 40 -7.07 -3.67 13.02
CA GLU A 40 -7.35 -5.09 12.83
C GLU A 40 -6.72 -5.65 11.57
N THR A 41 -6.17 -4.80 10.69
CA THR A 41 -5.66 -5.24 9.39
C THR A 41 -4.28 -4.66 9.07
N CYS A 42 -3.58 -4.11 10.06
CA CYS A 42 -2.33 -3.41 9.77
C CYS A 42 -1.17 -4.35 9.41
N GLN A 43 -1.40 -5.67 9.43
CA GLN A 43 -0.41 -6.67 9.01
C GLN A 43 0.76 -6.82 9.98
N LEU A 44 1.49 -5.73 10.23
CA LEU A 44 2.67 -5.76 11.07
C LEU A 44 2.49 -4.78 12.23
N ARG A 45 2.84 -5.23 13.43
CA ARG A 45 2.81 -4.37 14.60
C ARG A 45 3.91 -3.31 14.50
N LEU A 46 3.54 -2.05 14.72
CA LEU A 46 4.52 -0.97 14.70
C LEU A 46 5.64 -1.22 15.71
N GLU A 47 5.28 -1.69 16.91
CA GLU A 47 6.28 -1.98 17.93
C GLU A 47 7.25 -3.05 17.45
N ASP A 48 6.76 -4.08 16.75
CA ASP A 48 7.67 -5.09 16.21
C ASP A 48 8.63 -4.47 15.21
N LEU A 49 8.15 -3.57 14.36
CA LEU A 49 9.03 -2.92 13.38
C LEU A 49 10.05 -2.03 14.06
N LEU A 50 9.64 -1.32 15.12
CA LEU A 50 10.56 -0.41 15.80
C LEU A 50 11.62 -1.18 16.59
N ARG A 51 11.23 -2.30 17.21
CA ARG A 51 12.17 -3.07 18.02
C ARG A 51 13.25 -3.75 17.17
N GLN A 52 13.01 -3.91 15.87
CA GLN A 52 13.93 -4.59 14.98
C GLN A 52 14.89 -3.65 14.26
N ARG A 53 14.88 -2.35 14.60
CA ARG A 53 15.66 -1.39 13.82
C ARG A 53 17.15 -1.62 13.92
N SER A 54 17.62 -2.15 15.05
CA SER A 54 19.03 -2.49 15.20
C SER A 54 19.41 -3.78 14.47
N ASN A 55 18.43 -4.53 13.99
CA ASN A 55 18.66 -5.79 13.30
C ASN A 55 18.80 -5.51 11.80
N ILE A 56 20.03 -5.30 11.36
CA ILE A 56 20.35 -4.90 9.99
C ILE A 56 21.14 -6.00 9.30
N PHE A 57 20.87 -6.20 8.02
CA PHE A 57 21.61 -7.19 7.24
C PHE A 57 23.09 -6.86 7.21
N SER A 58 23.93 -7.87 7.38
CA SER A 58 25.37 -7.68 7.26
C SER A 58 25.76 -7.54 5.80
N ARG A 59 27.01 -7.11 5.58
CA ARG A 59 27.51 -6.94 4.22
C ARG A 59 27.51 -8.27 3.47
N GLU A 60 27.73 -9.38 4.17
CA GLU A 60 27.65 -10.69 3.52
C GLU A 60 26.22 -11.04 3.13
N GLU A 61 25.26 -10.72 4.00
CA GLU A 61 23.87 -10.98 3.66
C GLU A 61 23.40 -10.09 2.52
N VAL A 62 23.87 -8.84 2.48
CA VAL A 62 23.56 -7.96 1.35
C VAL A 62 24.12 -8.53 0.06
N THR A 63 25.38 -8.96 0.10
CA THR A 63 25.99 -9.61 -1.07
C THR A 63 25.20 -10.84 -1.49
N GLY A 64 24.68 -11.61 -0.52
CA GLY A 64 23.88 -12.76 -0.85
C GLY A 64 22.62 -12.40 -1.62
N TYR A 65 21.96 -11.32 -1.22
CA TYR A 65 20.76 -10.88 -1.94
C TYR A 65 21.13 -10.37 -3.33
N GLN A 66 22.25 -9.68 -3.45
CA GLN A 66 22.67 -9.15 -4.75
C GLN A 66 23.07 -10.27 -5.71
N ARG A 67 23.50 -11.41 -5.18
CA ARG A 67 23.89 -12.53 -6.03
C ARG A 67 22.71 -13.37 -6.49
N LYS A 68 21.55 -13.23 -5.85
CA LYS A 68 20.38 -13.97 -6.28
C LYS A 68 19.99 -13.55 -7.69
N SER A 69 19.38 -14.48 -8.43
CA SER A 69 18.98 -14.20 -9.79
C SER A 69 17.87 -13.15 -9.81
N MET A 70 17.79 -12.43 -10.93
CA MET A 70 16.73 -11.44 -11.08
C MET A 70 15.36 -12.05 -10.91
N TRP A 71 15.14 -13.25 -11.46
CA TRP A 71 13.82 -13.86 -11.40
C TRP A 71 13.48 -14.34 -9.99
N GLU A 72 14.47 -14.74 -9.19
CA GLU A 72 14.17 -15.16 -7.83
C GLU A 72 13.79 -13.96 -6.96
N MET A 73 14.51 -12.84 -7.10
CA MET A 73 14.16 -11.65 -6.33
C MET A 73 12.79 -11.11 -6.73
N TRP A 74 12.49 -11.14 -8.03
CA TRP A 74 11.15 -10.72 -8.47
C TRP A 74 10.07 -11.60 -7.86
N GLU A 75 10.32 -12.90 -7.75
N GLU A 75 10.32 -12.92 -7.77
CA GLU A 75 9.30 -13.79 -7.20
CA GLU A 75 9.34 -13.83 -7.20
C GLU A 75 9.10 -13.54 -5.71
C GLU A 75 9.12 -13.53 -5.72
N ARG A 76 10.20 -13.34 -4.97
CA ARG A 76 10.08 -13.07 -3.54
C ARG A 76 9.38 -11.75 -3.29
N CYS A 77 9.71 -10.71 -4.07
CA CYS A 77 9.06 -9.42 -3.87
C CYS A 77 7.59 -9.47 -4.26
N ALA A 78 7.25 -10.26 -5.28
CA ALA A 78 5.85 -10.40 -5.67
C ALA A 78 5.04 -11.08 -4.57
N HIS A 79 5.65 -12.05 -3.88
CA HIS A 79 4.96 -12.73 -2.78
C HIS A 79 4.71 -11.78 -1.61
N HIS A 80 5.74 -11.03 -1.20
CA HIS A 80 5.56 -10.07 -0.12
C HIS A 80 4.53 -9.01 -0.50
N LEU A 81 4.52 -8.61 -1.78
CA LEU A 81 3.56 -7.63 -2.25
C LEU A 81 2.14 -8.19 -2.20
N THR A 82 1.97 -9.42 -2.67
CA THR A 82 0.65 -10.06 -2.64
C THR A 82 0.12 -10.15 -1.22
N GLU A 83 0.97 -10.54 -0.27
CA GLU A 83 0.52 -10.67 1.11
C GLU A 83 0.10 -9.33 1.68
N ALA A 84 0.85 -8.26 1.37
CA ALA A 84 0.47 -6.94 1.86
C ALA A 84 -0.85 -6.48 1.25
N ILE A 85 -1.07 -6.80 -0.03
CA ILE A 85 -2.33 -6.44 -0.67
C ILE A 85 -3.49 -7.17 -0.03
N GLN A 86 -3.26 -8.42 0.38
CA GLN A 86 -4.33 -9.20 0.99
C GLN A 86 -4.83 -8.55 2.27
N TYR A 87 -3.92 -7.97 3.07
CA TYR A 87 -4.35 -7.25 4.26
C TYR A 87 -5.08 -5.96 3.91
N VAL A 88 -4.69 -5.31 2.80
CA VAL A 88 -5.39 -4.10 2.37
C VAL A 88 -6.82 -4.44 1.93
N VAL A 89 -6.99 -5.59 1.28
CA VAL A 89 -8.33 -6.03 0.88
C VAL A 89 -9.22 -6.20 2.11
N GLU A 90 -8.67 -6.77 3.18
CA GLU A 90 -9.44 -6.96 4.41
C GLU A 90 -9.73 -5.63 5.08
N PHE A 91 -8.77 -4.70 5.03
CA PHE A 91 -9.02 -3.34 5.50
C PHE A 91 -10.23 -2.73 4.79
N ALA A 92 -10.27 -2.88 3.45
CA ALA A 92 -11.41 -2.37 2.70
C ALA A 92 -12.70 -3.04 3.12
N LYS A 93 -12.69 -4.36 3.27
CA LYS A 93 -13.92 -5.08 3.60
C LYS A 93 -14.48 -4.62 4.94
N ARG A 94 -13.61 -4.25 5.87
CA ARG A 94 -14.04 -3.75 7.17
C ARG A 94 -14.25 -2.25 7.19
N LEU A 95 -13.93 -1.56 6.10
CA LEU A 95 -14.05 -0.11 6.06
C LEU A 95 -15.53 0.28 5.93
N SER A 96 -15.96 1.21 6.76
CA SER A 96 -17.36 1.61 6.80
C SER A 96 -17.79 2.15 5.44
N GLY A 97 -18.86 1.60 4.89
CA GLY A 97 -19.40 2.03 3.62
C GLY A 97 -18.89 1.28 2.41
N PHE A 98 -17.74 0.61 2.51
CA PHE A 98 -17.15 -0.03 1.34
C PHE A 98 -18.01 -1.18 0.83
N MET A 99 -18.45 -2.07 1.72
CA MET A 99 -19.25 -3.20 1.30
C MET A 99 -20.67 -2.81 0.89
N GLU A 100 -21.07 -1.56 1.12
CA GLU A 100 -22.35 -1.07 0.61
C GLU A 100 -22.27 -0.74 -0.87
N LEU A 101 -21.08 -0.48 -1.40
CA LEU A 101 -20.91 -0.21 -2.81
C LEU A 101 -21.10 -1.48 -3.63
N CYS A 102 -21.45 -1.31 -4.90
CA CYS A 102 -21.60 -2.46 -5.78
C CYS A 102 -20.24 -3.12 -6.01
N GLN A 103 -20.29 -4.41 -6.38
CA GLN A 103 -19.06 -5.19 -6.49
C GLN A 103 -18.14 -4.64 -7.58
N ASN A 104 -18.70 -4.12 -8.67
CA ASN A 104 -17.88 -3.50 -9.70
C ASN A 104 -17.04 -2.37 -9.13
N ASP A 105 -17.66 -1.54 -8.29
CA ASP A 105 -16.96 -0.38 -7.74
C ASP A 105 -15.97 -0.79 -6.66
N GLN A 106 -16.31 -1.83 -5.88
CA GLN A 106 -15.36 -2.37 -4.92
C GLN A 106 -14.08 -2.83 -5.61
N ILE A 107 -14.23 -3.50 -6.75
CA ILE A 107 -13.08 -4.00 -7.49
C ILE A 107 -12.31 -2.86 -8.14
N VAL A 108 -13.04 -1.88 -8.69
CA VAL A 108 -12.38 -0.72 -9.30
C VAL A 108 -11.52 0.00 -8.28
N LEU A 109 -12.07 0.21 -7.08
CA LEU A 109 -11.35 0.95 -6.05
C LEU A 109 -10.12 0.18 -5.57
N LEU A 110 -10.22 -1.15 -5.45
CA LEU A 110 -9.10 -1.94 -4.98
C LEU A 110 -8.05 -2.12 -6.05
N LYS A 111 -8.46 -2.36 -7.31
CA LYS A 111 -7.49 -2.46 -8.39
C LYS A 111 -6.65 -1.20 -8.51
N ALA A 112 -7.28 -0.03 -8.33
CA ALA A 112 -6.54 1.22 -8.48
C ALA A 112 -5.85 1.65 -7.19
N GLY A 113 -6.35 1.21 -6.04
CA GLY A 113 -5.92 1.80 -4.78
C GLY A 113 -5.19 0.89 -3.81
N ALA A 114 -5.31 -0.43 -3.97
CA ALA A 114 -4.67 -1.35 -3.03
C ALA A 114 -3.17 -1.13 -2.99
N MET A 115 -2.54 -0.98 -4.16
CA MET A 115 -1.10 -0.78 -4.21
C MET A 115 -0.69 0.54 -3.57
N GLU A 116 -1.48 1.59 -3.79
CA GLU A 116 -1.17 2.88 -3.19
C GLU A 116 -1.24 2.81 -1.67
N VAL A 117 -2.19 2.05 -1.13
CA VAL A 117 -2.27 1.85 0.31
C VAL A 117 -1.03 1.13 0.82
N VAL A 118 -0.57 0.10 0.08
CA VAL A 118 0.62 -0.64 0.49
C VAL A 118 1.82 0.28 0.54
N LEU A 119 1.97 1.15 -0.46
CA LEU A 119 3.12 2.05 -0.50
C LEU A 119 3.11 3.03 0.67
N VAL A 120 1.92 3.44 1.12
CA VAL A 120 1.83 4.33 2.28
C VAL A 120 2.13 3.56 3.57
N ARG A 121 1.51 2.38 3.73
CA ARG A 121 1.79 1.55 4.90
C ARG A 121 3.26 1.22 5.03
N MET A 122 3.98 1.19 3.89
CA MET A 122 5.37 0.77 3.89
C MET A 122 6.26 1.70 4.71
N CYS A 123 5.86 2.98 4.85
CA CYS A 123 6.67 3.91 5.60
C CYS A 123 6.83 3.52 7.07
N ARG A 124 5.90 2.72 7.60
CA ARG A 124 6.05 2.21 8.96
C ARG A 124 7.28 1.32 9.10
N ALA A 125 7.64 0.60 8.03
CA ALA A 125 8.78 -0.30 8.04
C ALA A 125 10.06 0.35 7.52
N TYR A 126 10.07 1.67 7.36
CA TYR A 126 11.21 2.39 6.83
C TYR A 126 11.86 3.19 7.95
N ASN A 127 13.19 3.13 8.03
CA ASN A 127 13.96 3.85 9.03
C ASN A 127 14.71 4.96 8.32
N ALA A 128 14.29 6.21 8.54
CA ALA A 128 14.88 7.34 7.83
C ALA A 128 16.29 7.66 8.32
N ASP A 129 16.68 7.15 9.48
CA ASP A 129 18.01 7.46 10.00
C ASP A 129 19.11 6.81 9.19
N ASN A 130 18.90 5.57 8.75
CA ASN A 130 19.88 4.86 7.93
C ASN A 130 19.36 4.50 6.55
N ARG A 131 18.15 4.95 6.19
CA ARG A 131 17.57 4.69 4.86
C ARG A 131 17.44 3.20 4.57
N THR A 132 16.87 2.46 5.52
CA THR A 132 16.66 1.03 5.40
C THR A 132 15.18 0.69 5.57
N VAL A 133 14.79 -0.45 5.02
N VAL A 133 14.78 -0.43 4.99
CA VAL A 133 13.42 -0.95 5.12
CA VAL A 133 13.42 -0.95 5.11
C VAL A 133 13.46 -2.37 5.66
C VAL A 133 13.48 -2.35 5.70
N PHE A 134 12.43 -2.72 6.44
CA PHE A 134 12.33 -4.05 7.00
C PHE A 134 11.95 -5.02 5.90
N PHE A 135 12.79 -6.01 5.64
CA PHE A 135 12.56 -6.96 4.55
C PHE A 135 13.09 -8.32 4.98
N GLU A 136 12.19 -9.30 5.03
CA GLU A 136 12.54 -10.69 5.33
C GLU A 136 13.36 -10.82 6.61
N GLY A 137 12.92 -10.11 7.65
CA GLY A 137 13.42 -10.29 8.99
C GLY A 137 14.45 -9.29 9.46
N LYS A 138 15.04 -8.51 8.56
CA LYS A 138 16.04 -7.53 8.93
C LYS A 138 15.84 -6.26 8.10
N TYR A 139 16.59 -5.23 8.46
CA TYR A 139 16.57 -3.97 7.74
C TYR A 139 17.70 -3.92 6.72
N GLY A 140 17.39 -3.45 5.52
CA GLY A 140 18.37 -3.33 4.46
C GLY A 140 18.11 -2.12 3.61
N GLY A 141 19.18 -1.60 2.98
CA GLY A 141 19.07 -0.43 2.14
C GLY A 141 18.67 -0.78 0.71
N MET A 142 18.68 0.26 -0.14
CA MET A 142 18.31 0.08 -1.54
C MET A 142 19.19 -0.96 -2.22
N GLU A 143 20.46 -1.02 -1.82
CA GLU A 143 21.41 -1.94 -2.46
C GLU A 143 20.99 -3.39 -2.30
N LEU A 144 20.12 -3.69 -1.32
CA LEU A 144 19.64 -5.06 -1.14
C LEU A 144 18.88 -5.55 -2.35
N PHE A 145 18.25 -4.65 -3.10
CA PHE A 145 17.34 -5.01 -4.19
C PHE A 145 17.97 -4.81 -5.56
N ARG A 146 19.30 -4.78 -5.64
CA ARG A 146 19.97 -4.49 -6.91
C ARG A 146 19.73 -5.56 -7.96
N ALA A 147 19.44 -6.80 -7.55
CA ALA A 147 19.23 -7.87 -8.53
C ALA A 147 17.92 -7.72 -9.29
N LEU A 148 16.99 -6.91 -8.80
CA LEU A 148 15.71 -6.74 -9.50
C LEU A 148 15.90 -6.10 -10.87
N GLY A 149 16.92 -5.27 -11.03
CA GLY A 149 17.11 -4.56 -12.28
C GLY A 149 16.11 -3.46 -12.51
N CYS A 150 15.65 -2.80 -11.43
CA CYS A 150 14.76 -1.65 -11.53
C CYS A 150 15.17 -0.64 -10.46
N SER A 151 16.42 -0.17 -10.57
N SER A 151 16.43 -0.19 -10.55
CA SER A 151 16.99 0.69 -9.54
CA SER A 151 16.99 0.68 -9.52
C SER A 151 16.24 2.00 -9.43
C SER A 151 16.26 2.01 -9.43
N GLU A 152 15.76 2.52 -10.56
CA GLU A 152 15.03 3.79 -10.54
C GLU A 152 13.74 3.66 -9.74
N LEU A 153 13.01 2.56 -9.91
CA LEU A 153 11.78 2.36 -9.15
C LEU A 153 12.06 2.16 -7.66
N ILE A 154 13.11 1.38 -7.34
CA ILE A 154 13.46 1.16 -5.95
C ILE A 154 13.77 2.48 -5.26
N SER A 155 14.57 3.33 -5.92
CA SER A 155 14.92 4.62 -5.33
C SER A 155 13.68 5.50 -5.16
N SER A 156 12.75 5.44 -6.10
CA SER A 156 11.50 6.20 -5.97
C SER A 156 10.69 5.71 -4.78
N ILE A 157 10.65 4.39 -4.56
CA ILE A 157 9.92 3.84 -3.42
C ILE A 157 10.56 4.30 -2.11
N PHE A 158 11.89 4.20 -2.02
CA PHE A 158 12.59 4.66 -0.82
C PHE A 158 12.39 6.16 -0.61
N ASP A 159 12.42 6.94 -1.70
CA ASP A 159 12.18 8.38 -1.56
C ASP A 159 10.77 8.65 -1.07
N PHE A 160 9.79 7.89 -1.54
CA PHE A 160 8.42 8.07 -1.10
C PHE A 160 8.27 7.74 0.39
N SER A 161 8.84 6.61 0.82
CA SER A 161 8.81 6.26 2.24
C SER A 161 9.58 7.26 3.07
N HIS A 162 10.67 7.80 2.52
CA HIS A 162 11.44 8.81 3.24
C HIS A 162 10.64 10.09 3.44
N SER A 163 9.86 10.48 2.42
N SER A 163 9.85 10.47 2.43
CA SER A 163 9.03 11.67 2.54
CA SER A 163 9.03 11.69 2.56
C SER A 163 7.93 11.49 3.58
C SER A 163 7.92 11.50 3.57
N LEU A 164 7.29 10.31 3.58
CA LEU A 164 6.23 10.06 4.56
C LEU A 164 6.78 9.96 5.97
N SER A 165 7.96 9.38 6.14
CA SER A 165 8.57 9.25 7.46
C SER A 165 8.82 10.60 8.10
N ALA A 166 9.16 11.62 7.31
CA ALA A 166 9.37 12.96 7.86
C ALA A 166 8.10 13.53 8.48
N LEU A 167 6.93 13.03 8.11
CA LEU A 167 5.68 13.51 8.70
C LEU A 167 5.45 12.95 10.09
N HIS A 168 6.11 11.84 10.43
CA HIS A 168 5.91 11.15 11.72
C HIS A 168 4.43 10.84 11.94
N PHE A 169 3.83 10.18 10.96
CA PHE A 169 2.44 9.75 11.05
C PHE A 169 2.19 8.97 12.34
N SER A 170 1.06 9.24 12.98
CA SER A 170 0.56 8.33 13.98
C SER A 170 -0.19 7.19 13.30
N GLU A 171 -0.51 6.16 14.07
CA GLU A 171 -1.26 5.03 13.51
C GLU A 171 -2.67 5.44 13.13
N ASP A 172 -3.28 6.35 13.90
CA ASP A 172 -4.60 6.84 13.54
C ASP A 172 -4.56 7.65 12.26
N GLU A 173 -3.49 8.41 12.05
CA GLU A 173 -3.36 9.21 10.83
C GLU A 173 -3.18 8.33 9.60
N ILE A 174 -2.36 7.28 9.71
CA ILE A 174 -2.22 6.32 8.62
C ILE A 174 -3.58 5.69 8.32
N ALA A 175 -4.34 5.36 9.36
CA ALA A 175 -5.65 4.73 9.16
C ALA A 175 -6.56 5.63 8.33
N LEU A 176 -6.70 6.89 8.74
CA LEU A 176 -7.62 7.78 8.06
C LEU A 176 -7.12 8.17 6.67
N TYR A 177 -5.80 8.32 6.53
CA TYR A 177 -5.24 8.72 5.23
C TYR A 177 -5.34 7.58 4.21
N THR A 178 -5.04 6.34 4.63
CA THR A 178 -5.13 5.23 3.70
C THR A 178 -6.58 4.90 3.34
N ALA A 179 -7.53 5.20 4.25
CA ALA A 179 -8.94 5.06 3.89
C ALA A 179 -9.31 6.01 2.76
N LEU A 180 -8.73 7.22 2.78
CA LEU A 180 -9.01 8.18 1.72
C LEU A 180 -8.28 7.83 0.43
N VAL A 181 -7.09 7.26 0.53
CA VAL A 181 -6.39 6.77 -0.65
C VAL A 181 -7.27 5.77 -1.40
N LEU A 182 -7.97 4.92 -0.65
CA LEU A 182 -8.80 3.89 -1.27
C LEU A 182 -10.12 4.45 -1.78
N ILE A 183 -10.81 5.23 -0.97
CA ILE A 183 -12.15 5.74 -1.32
C ILE A 183 -11.93 7.03 -2.12
N ASN A 184 -11.63 6.85 -3.41
CA ASN A 184 -11.36 7.93 -4.34
C ASN A 184 -12.46 7.90 -5.40
N ALA A 185 -13.32 8.90 -5.41
CA ALA A 185 -14.44 8.94 -6.35
C ALA A 185 -14.01 9.30 -7.76
N HIS A 186 -12.73 9.59 -8.00
CA HIS A 186 -12.25 9.92 -9.33
C HIS A 186 -11.69 8.73 -10.09
N ARG A 187 -11.66 7.54 -9.49
CA ARG A 187 -11.15 6.37 -10.18
C ARG A 187 -12.03 6.10 -11.40
N PRO A 188 -11.45 5.97 -12.60
CA PRO A 188 -12.27 5.68 -13.78
C PRO A 188 -12.89 4.29 -13.68
N GLY A 189 -14.14 4.20 -14.13
CA GLY A 189 -14.87 2.94 -14.13
C GLY A 189 -15.90 2.79 -13.04
N LEU A 190 -16.02 3.77 -12.15
CA LEU A 190 -17.01 3.69 -11.08
C LEU A 190 -18.41 3.88 -11.65
N GLN A 191 -19.31 2.96 -11.30
CA GLN A 191 -20.68 3.04 -11.79
C GLN A 191 -21.55 3.93 -10.90
N GLU A 192 -21.35 3.85 -9.58
CA GLU A 192 -22.10 4.66 -8.63
C GLU A 192 -21.18 5.75 -8.06
N LYS A 193 -20.82 6.67 -8.95
CA LYS A 193 -19.84 7.69 -8.61
C LYS A 193 -20.33 8.58 -7.47
N ARG A 194 -21.63 8.93 -7.46
CA ARG A 194 -22.15 9.81 -6.41
C ARG A 194 -22.08 9.14 -5.04
N LYS A 195 -22.30 7.83 -4.98
CA LYS A 195 -22.21 7.13 -3.70
C LYS A 195 -20.78 7.12 -3.17
N VAL A 196 -19.80 6.90 -4.06
CA VAL A 196 -18.41 6.98 -3.64
C VAL A 196 -18.05 8.40 -3.23
N GLU A 197 -18.63 9.41 -3.89
CA GLU A 197 -18.41 10.79 -3.50
C GLU A 197 -18.89 11.06 -2.09
N GLN A 198 -20.05 10.52 -1.73
CA GLN A 198 -20.60 10.72 -0.39
C GLN A 198 -19.70 10.08 0.66
N LEU A 199 -19.26 8.85 0.40
CA LEU A 199 -18.38 8.17 1.33
C LEU A 199 -17.04 8.88 1.46
N GLN A 200 -16.51 9.38 0.34
CA GLN A 200 -15.24 10.11 0.37
C GLN A 200 -15.37 11.40 1.19
N TYR A 201 -16.49 12.11 1.03
CA TYR A 201 -16.70 13.35 1.77
C TYR A 201 -16.73 13.10 3.27
N ASN A 202 -17.42 12.03 3.69
CA ASN A 202 -17.47 11.71 5.11
C ASN A 202 -16.10 11.31 5.65
N LEU A 203 -15.34 10.53 4.87
CA LEU A 203 -14.01 10.13 5.32
C LEU A 203 -13.05 11.31 5.35
N GLU A 204 -13.21 12.27 4.43
CA GLU A 204 -12.42 13.49 4.51
C GLU A 204 -12.75 14.28 5.77
N LEU A 205 -14.04 14.39 6.09
CA LEU A 205 -14.46 15.05 7.33
C LEU A 205 -13.82 14.38 8.53
N ALA A 206 -13.86 13.05 8.58
CA ALA A 206 -13.26 12.32 9.70
C ALA A 206 -11.76 12.59 9.77
N PHE A 207 -11.09 12.54 8.64
CA PHE A 207 -9.65 12.79 8.60
C PHE A 207 -9.33 14.19 9.10
N HIS A 208 -10.05 15.20 8.57
CA HIS A 208 -9.76 16.58 8.90
C HIS A 208 -10.18 16.93 10.33
N HIS A 209 -11.33 16.40 10.76
CA HIS A 209 -11.75 16.58 12.15
C HIS A 209 -10.70 16.04 13.12
N HIS A 210 -10.13 14.87 12.80
CA HIS A 210 -9.12 14.28 13.66
C HIS A 210 -7.85 15.11 13.68
N LEU A 211 -7.43 15.62 12.51
CA LEU A 211 -6.25 16.49 12.47
C LEU A 211 -6.49 17.78 13.22
N CYS A 212 -7.70 18.33 13.13
CA CYS A 212 -8.02 19.56 13.84
C CYS A 212 -8.02 19.32 15.34
N LYS A 213 -8.61 18.21 15.79
CA LYS A 213 -8.68 17.90 17.21
C LYS A 213 -7.29 17.67 17.80
N THR A 214 -6.37 17.07 17.03
CA THR A 214 -5.05 16.74 17.52
C THR A 214 -4.01 17.79 17.17
N HIS A 215 -4.44 18.93 16.62
CA HIS A 215 -3.53 20.03 16.26
C HIS A 215 -2.45 19.57 15.28
N ARG A 216 -2.88 18.82 14.26
CA ARG A 216 -1.97 18.26 13.26
C ARG A 216 -2.35 18.67 11.84
N GLN A 217 -3.13 19.75 11.68
CA GLN A 217 -3.51 20.20 10.35
C GLN A 217 -2.31 20.67 9.53
N SER A 218 -1.14 20.81 10.13
CA SER A 218 0.03 21.25 9.38
C SER A 218 0.51 20.19 8.41
N ILE A 219 0.05 18.94 8.55
CA ILE A 219 0.52 17.89 7.66
C ILE A 219 -0.19 17.91 6.32
N LEU A 220 -1.34 18.59 6.20
CA LEU A 220 -2.10 18.56 4.97
C LEU A 220 -1.29 19.11 3.80
N ALA A 221 -0.58 20.21 4.01
CA ALA A 221 0.25 20.78 2.94
C ALA A 221 1.44 19.90 2.61
N LYS A 222 1.83 19.00 3.52
CA LYS A 222 3.01 18.17 3.34
C LYS A 222 2.68 16.77 2.84
N LEU A 223 1.41 16.41 2.72
CA LEU A 223 1.05 15.13 2.13
C LEU A 223 1.45 15.13 0.66
N PRO A 224 1.90 13.99 0.13
CA PRO A 224 2.36 13.96 -1.25
C PRO A 224 1.19 14.17 -2.21
N PRO A 225 1.41 14.80 -3.35
CA PRO A 225 0.34 14.92 -4.34
C PRO A 225 -0.02 13.56 -4.91
N LYS A 226 -1.27 13.44 -5.35
CA LYS A 226 -1.74 12.16 -5.90
C LYS A 226 -0.90 11.69 -7.07
N GLY A 227 -0.25 12.61 -7.80
CA GLY A 227 0.56 12.21 -8.92
C GLY A 227 1.76 11.37 -8.53
N LYS A 228 2.20 11.49 -7.28
CA LYS A 228 3.34 10.72 -6.81
C LYS A 228 2.98 9.25 -6.67
N LEU A 229 1.84 8.96 -6.04
CA LEU A 229 1.37 7.58 -5.95
C LEU A 229 1.03 7.03 -7.32
N ARG A 230 0.48 7.87 -8.21
CA ARG A 230 0.16 7.42 -9.56
C ARG A 230 1.43 7.05 -10.32
N SER A 231 2.48 7.87 -10.18
CA SER A 231 3.74 7.58 -10.86
C SER A 231 4.38 6.30 -10.35
N LEU A 232 4.25 6.02 -9.05
CA LEU A 232 4.82 4.79 -8.50
C LEU A 232 4.13 3.57 -9.07
N CYS A 233 2.79 3.60 -9.16
CA CYS A 233 2.05 2.45 -9.66
C CYS A 233 2.29 2.25 -11.15
N SER A 234 2.43 3.35 -11.90
CA SER A 234 2.71 3.25 -13.33
C SER A 234 4.10 2.69 -13.57
N GLN A 235 5.08 3.09 -12.76
CA GLN A 235 6.41 2.51 -12.86
C GLN A 235 6.37 1.01 -12.56
N HIS A 236 5.54 0.60 -11.60
CA HIS A 236 5.41 -0.81 -11.29
C HIS A 236 4.94 -1.60 -12.51
N VAL A 237 3.93 -1.08 -13.22
CA VAL A 237 3.42 -1.77 -14.39
C VAL A 237 4.47 -1.82 -15.50
N GLU A 238 5.25 -0.74 -15.64
CA GLU A 238 6.26 -0.68 -16.69
C GLU A 238 7.41 -1.64 -16.43
N ARG A 239 7.89 -1.69 -15.19
CA ARG A 239 8.99 -2.59 -14.87
C ARG A 239 8.55 -4.05 -14.89
N LEU A 240 7.27 -4.31 -14.56
CA LEU A 240 6.78 -5.68 -14.65
C LEU A 240 6.71 -6.17 -16.08
N GLN A 241 6.28 -5.30 -17.01
CA GLN A 241 6.22 -5.68 -18.42
C GLN A 241 7.61 -5.99 -18.96
N ILE A 242 8.62 -5.25 -18.49
CA ILE A 242 10.00 -5.53 -18.89
C ILE A 242 10.41 -6.92 -18.41
N PHE A 243 10.11 -7.22 -17.15
CA PHE A 243 10.49 -8.53 -16.60
C PHE A 243 9.67 -9.65 -17.24
N GLN A 244 8.37 -9.43 -17.43
CA GLN A 244 7.53 -10.46 -18.03
C GLN A 244 8.00 -10.80 -19.44
N HIS A 245 8.56 -9.82 -20.15
CA HIS A 245 9.14 -10.10 -21.46
C HIS A 245 10.37 -10.99 -21.36
N LEU A 246 11.17 -10.80 -20.30
CA LEU A 246 12.39 -11.57 -20.14
C LEU A 246 12.13 -12.95 -19.55
N HIS A 247 11.13 -13.09 -18.68
CA HIS A 247 10.85 -14.35 -17.99
C HIS A 247 9.34 -14.56 -17.93
N PRO A 248 8.70 -14.83 -19.07
CA PRO A 248 7.24 -14.99 -19.06
C PRO A 248 6.77 -16.23 -18.32
N ILE A 249 7.54 -17.32 -18.33
CA ILE A 249 7.13 -18.53 -17.62
C ILE A 249 7.22 -18.33 -16.12
N VAL A 250 8.18 -17.52 -15.67
CA VAL A 250 8.29 -17.21 -14.24
C VAL A 250 7.01 -16.53 -13.75
N VAL A 251 6.54 -15.53 -14.52
CA VAL A 251 5.32 -14.83 -14.15
C VAL A 251 4.13 -15.79 -14.16
N GLN A 252 4.02 -16.59 -15.23
CA GLN A 252 2.87 -17.47 -15.37
C GLN A 252 2.86 -18.57 -14.32
N ALA A 253 4.02 -19.14 -14.01
CA ALA A 253 4.07 -20.32 -13.15
C ALA A 253 4.32 -20.00 -11.68
N ALA A 254 5.01 -18.89 -11.38
CA ALA A 254 5.47 -18.63 -10.02
C ALA A 254 5.00 -17.30 -9.43
N PHE A 255 4.25 -16.48 -10.20
CA PHE A 255 3.75 -15.30 -9.51
C PHE A 255 2.35 -15.57 -8.97
N PRO A 256 1.98 -14.94 -7.85
CA PRO A 256 0.66 -15.22 -7.26
C PRO A 256 -0.45 -14.74 -8.17
N PRO A 257 -1.60 -15.42 -8.18
CA PRO A 257 -2.69 -15.00 -9.07
C PRO A 257 -3.23 -13.61 -8.76
N LEU A 258 -3.36 -13.26 -7.49
CA LEU A 258 -3.84 -11.92 -7.15
C LEU A 258 -2.89 -10.85 -7.66
N TYR A 259 -1.58 -11.14 -7.63
CA TYR A 259 -0.61 -10.21 -8.18
C TYR A 259 -0.82 -10.01 -9.67
N LYS A 260 -1.10 -11.10 -10.40
CA LYS A 260 -1.29 -11.00 -11.84
C LYS A 260 -2.59 -10.30 -12.20
N GLU A 261 -3.64 -10.49 -11.38
CA GLU A 261 -4.90 -9.80 -11.65
C GLU A 261 -4.74 -8.28 -11.53
N LEU A 262 -3.76 -7.82 -10.75
CA LEU A 262 -3.65 -6.40 -10.47
C LEU A 262 -2.70 -5.66 -11.42
N PHE A 263 -1.53 -6.24 -11.68
CA PHE A 263 -0.47 -5.55 -12.40
C PHE A 263 -0.15 -6.01 -13.83
N SER A 264 -0.16 -7.32 -14.04
CA SER A 264 0.17 -7.91 -15.32
C SER A 264 -0.96 -7.69 -16.32
N GLY A 265 -0.65 -7.89 -17.59
CA GLY A 265 -1.74 -8.18 -18.50
C GLY A 265 -1.22 -9.09 -19.60
N GLY A 266 -2.13 -9.89 -20.15
CA GLY A 266 -3.58 -9.76 -19.98
C GLY A 266 -4.26 -10.40 -18.78
N GLY A 267 -3.53 -10.55 -17.67
CA GLY A 267 -3.87 -11.39 -16.56
C GLY A 267 -5.11 -11.06 -15.73
N GLU A 268 -5.90 -10.07 -16.15
CA GLU A 268 -7.14 -9.72 -15.44
C GLU A 268 -8.17 -10.85 -15.43
N LYS A 269 -7.92 -11.95 -16.15
CA LYS A 269 -8.83 -13.09 -16.16
C LYS A 269 -8.98 -13.76 -14.78
N HIS A 270 -8.06 -13.50 -13.84
CA HIS A 270 -8.13 -14.13 -12.53
C HIS A 270 -9.24 -13.50 -11.70
N LYS A 271 -10.04 -14.33 -11.04
CA LYS A 271 -11.20 -13.93 -10.26
C LYS A 271 -10.88 -13.65 -8.79
N ILE A 272 -9.59 -13.65 -8.43
CA ILE A 272 -9.17 -13.69 -7.02
C ILE A 272 -9.91 -12.63 -6.19
N LEU A 273 -9.89 -11.37 -6.65
CA LEU A 273 -10.51 -10.29 -5.88
C LEU A 273 -11.99 -10.58 -5.65
N HIS A 274 -12.68 -11.05 -6.68
CA HIS A 274 -14.08 -11.43 -6.57
C HIS A 274 -14.31 -12.39 -5.41
N ARG A 275 -13.41 -13.36 -5.24
CA ARG A 275 -13.60 -14.39 -4.21
C ARG A 275 -13.23 -13.87 -2.83
N LEU A 276 -12.18 -13.05 -2.73
CA LEU A 276 -11.79 -12.47 -1.45
C LEU A 276 -12.90 -11.58 -0.89
N LEU A 277 -13.63 -10.89 -1.78
CA LEU A 277 -14.70 -10.00 -1.34
C LEU A 277 -15.97 -10.75 -0.94
N GLN A 278 -16.20 -11.93 -1.53
CA GLN A 278 -17.38 -12.72 -1.24
C GLN A 278 -17.19 -13.67 -0.05
N ASP A 279 -15.98 -13.80 0.47
CA ASP A 279 -15.71 -14.65 1.61
C ASP A 279 -16.07 -13.88 2.88
N SER A 280 -15.65 -14.41 4.04
CA SER A 280 -15.84 -13.85 5.39
C SER A 280 -17.13 -14.33 6.07
NA NA B . 9.13 5.54 9.28
C4 927 C . 5.06 -3.63 1.58
C5 927 C . 4.71 -2.97 2.92
C6 927 C . 4.31 -4.04 3.94
C7 927 C . 5.46 -5.04 4.11
C8 927 C . 5.84 -5.66 2.77
C10 927 C . 4.94 -2.66 5.95
N12 927 C . 3.40 -2.19 7.65
C13 927 C . 2.46 -2.87 7.02
C15 927 C . 8.01 -5.25 0.23
C20 927 C . 11.22 -3.40 -1.97
C21 927 C . 11.12 -3.86 -3.40
C22 927 C . 11.97 -2.14 -1.64
C24 927 C . 7.26 -3.07 -1.45
C26 927 C . 6.64 -2.46 -3.66
O30 927 C . 7.44 -6.06 -5.77
C29 927 C . 7.29 -4.96 -6.26
C31 927 C . 7.18 -4.76 -7.72
C36 927 C . 6.04 -5.19 -8.40
C35 927 C . 5.95 -4.97 -9.76
C34 927 C . 6.98 -4.33 -10.45
C33 927 C . 8.10 -3.89 -9.76
C32 927 C . 8.20 -4.11 -8.40
N28 927 C . 7.17 -3.81 -5.54
C27 927 C . 7.22 -3.63 -4.16
C25 927 C . 6.65 -2.19 -2.31
C37 927 C . 7.84 -4.52 -3.29
C23 927 C . 7.85 -4.24 -1.93
N17 927 C . 8.48 -5.12 -1.04
C18 927 C . 9.90 -5.36 -1.30
C19 927 C . 10.66 -4.09 -1.01
O16 927 C . 8.79 -5.24 1.16
N2 927 C . 6.70 -5.13 0.51
C1 927 C . 5.71 -5.74 -0.39
C3 927 C . 6.26 -4.56 1.79
C9 927 C . 3.99 -3.38 5.26
C14 927 C . 2.72 -3.49 5.82
C11 927 C . 4.61 -2.08 7.16
#